data_7LZS
#
_entry.id   7LZS
#
_cell.length_a   30.907
_cell.length_b   72.425
_cell.length_c   54.816
_cell.angle_alpha   90.000
_cell.angle_beta   104.588
_cell.angle_gamma   90.000
#
_symmetry.space_group_name_H-M   'C 1 2 1'
#
loop_
_entity.id
_entity.type
_entity.pdbx_description
1 polymer 'B-cell lymphoma 6 protein'
2 non-polymer 3-chloro-5-{7-[2-({5-chloro-2-[(3S)-3-methylmorpholin-4-yl]pyridin-4-yl}amino)-2-oxoethyl]-3-methyl-4-oxo-4,7-dihydro-3H-pyrrolo[2,3-d]pyrimidin-5-yl}-2-hydroxybenzamide
3 non-polymer 'DIMETHYL SULFOXIDE'
4 non-polymer 'SULFATE ION'
5 water water
#
_entity_poly.entity_id   1
_entity_poly.type   'polypeptide(L)'
_entity_poly.pdbx_seq_one_letter_code
;ADSQIQFTRHASDVLLNLNRLRSRDILTDVVIVVSREQFRAHKTVLMACSGLFYSIFTDQLKRNLSVINLDPEINPEGFN
ILLDFMYTSRLNLREGNIMAVMATAMYLQMEHVVDTCRKFIKASE
;
_entity_poly.pdbx_strand_id   A
#
loop_
_chem_comp.id
_chem_comp.type
_chem_comp.name
_chem_comp.formula
DMS non-polymer 'DIMETHYL SULFOXIDE' 'C2 H6 O S'
SO4 non-polymer 'SULFATE ION' 'O4 S -2'
YJS non-polymer 3-chloro-5-{7-[2-({5-chloro-2-[(3S)-3-methylmorpholin-4-yl]pyridin-4-yl}amino)-2-oxoethyl]-3-methyl-4-oxo-4,7-dihydro-3H-pyrrolo[2,3-d]pyrimidin-5-yl}-2-hydroxybenzamide 'C26 H25 Cl2 N7 O5'
#
# COMPACT_ATOMS: atom_id res chain seq x y z
N SER A 3 -30.42 2.31 9.55
CA SER A 3 -31.36 1.18 9.76
C SER A 3 -31.14 0.08 8.71
N GLN A 4 -30.04 0.13 7.98
CA GLN A 4 -29.77 -0.83 6.89
C GLN A 4 -29.16 -2.11 7.45
N ILE A 5 -29.27 -3.19 6.72
CA ILE A 5 -28.72 -4.44 7.13
C ILE A 5 -27.22 -4.41 6.91
N GLN A 6 -26.48 -4.78 7.92
CA GLN A 6 -24.95 -4.80 7.83
CA GLN A 6 -24.95 -4.80 7.83
C GLN A 6 -24.28 -6.26 7.49
N PHE A 7 -23.54 -6.33 6.40
CA PHE A 7 -22.86 -7.52 6.04
C PHE A 7 -21.44 -7.38 6.61
N THR A 8 -21.14 -8.11 7.67
CA THR A 8 -19.89 -7.99 8.44
C THR A 8 -18.66 -8.41 7.62
N ARG A 9 -18.81 -9.42 6.76
CA ARG A 9 -17.71 -9.93 5.89
C ARG A 9 -17.63 -9.24 4.51
N HIS A 10 -18.56 -8.35 4.13
CA HIS A 10 -18.40 -7.82 2.70
C HIS A 10 -17.11 -7.04 2.44
N ALA A 11 -16.68 -6.15 3.34
CA ALA A 11 -15.47 -5.34 3.08
C ALA A 11 -14.24 -6.21 2.92
N SER A 12 -14.05 -7.12 3.87
CA SER A 12 -12.95 -8.15 3.64
CA SER A 12 -13.01 -8.17 3.69
C SER A 12 -12.87 -9.16 2.33
N ASP A 13 -14.11 -9.53 1.98
CA ASP A 13 -14.40 -10.24 0.78
C ASP A 13 -14.08 -9.39 -0.46
N VAL A 14 -14.45 -8.12 -0.45
CA VAL A 14 -14.16 -7.19 -1.57
C VAL A 14 -12.64 -7.04 -1.69
N LEU A 15 -11.95 -6.81 -0.58
CA LEU A 15 -10.48 -6.64 -0.60
C LEU A 15 -9.81 -7.91 -1.12
N LEU A 16 -10.32 -9.07 -0.71
CA LEU A 16 -9.76 -10.37 -1.15
C LEU A 16 -9.89 -10.46 -2.66
N ASN A 17 -11.05 -10.08 -3.20
CA ASN A 17 -11.31 -10.11 -4.67
C ASN A 17 -10.40 -9.11 -5.38
N LEU A 18 -10.17 -7.93 -4.79
CA LEU A 18 -9.26 -6.93 -5.39
C LEU A 18 -7.85 -7.50 -5.45
N ASN A 19 -7.41 -8.19 -4.39
CA ASN A 19 -6.07 -8.83 -4.34
C ASN A 19 -6.01 -9.92 -5.40
N ARG A 20 -7.10 -10.66 -5.58
CA ARG A 20 -7.16 -11.73 -6.60
C ARG A 20 -7.02 -11.08 -7.98
N LEU A 21 -7.67 -9.93 -8.21
CA LEU A 21 -7.58 -9.21 -9.49
C LEU A 21 -6.13 -8.74 -9.70
N ARG A 22 -5.48 -8.24 -8.66
CA ARG A 22 -4.07 -7.77 -8.77
C ARG A 22 -3.18 -8.95 -9.16
N SER A 23 -3.43 -10.12 -8.55
CA SER A 23 -2.64 -11.36 -8.76
C SER A 23 -2.74 -11.81 -10.22
N ARG A 24 -3.84 -11.50 -10.91
CA ARG A 24 -4.02 -11.84 -12.35
C ARG A 24 -3.80 -10.64 -13.26
N ASP A 25 -3.31 -9.52 -12.73
CA ASP A 25 -3.04 -8.28 -13.48
C ASP A 25 -4.32 -7.85 -14.21
N ILE A 26 -5.48 -7.99 -13.58
CA ILE A 26 -6.76 -7.61 -14.22
C ILE A 26 -7.15 -6.18 -13.80
N LEU A 27 -7.24 -5.24 -14.74
CA LEU A 27 -7.58 -3.81 -14.55
C LEU A 27 -6.56 -3.07 -13.69
N THR A 28 -5.32 -3.55 -13.62
CA THR A 28 -4.25 -2.79 -12.96
C THR A 28 -3.97 -1.62 -13.90
N ASP A 29 -3.77 -0.43 -13.38
CA ASP A 29 -3.59 0.75 -14.24
C ASP A 29 -2.34 1.53 -13.87
N VAL A 30 -1.47 0.98 -13.05
CA VAL A 30 -0.22 1.72 -12.72
C VAL A 30 0.89 0.73 -12.40
N VAL A 31 2.11 1.11 -12.72
CA VAL A 31 3.28 0.30 -12.34
C VAL A 31 4.08 1.18 -11.38
N ILE A 32 4.37 0.71 -10.17
CA ILE A 32 5.19 1.44 -9.21
C ILE A 32 6.61 0.90 -9.31
N VAL A 33 7.55 1.80 -9.62
CA VAL A 33 8.94 1.43 -9.80
C VAL A 33 9.74 1.81 -8.56
N VAL A 34 10.38 0.82 -7.97
CA VAL A 34 11.15 1.00 -6.75
C VAL A 34 12.54 0.45 -7.00
N SER A 35 13.49 1.34 -7.27
CA SER A 35 14.83 0.95 -7.68
C SER A 35 14.78 -0.02 -8.87
N ARG A 36 15.26 -1.24 -8.71
CA ARG A 36 15.35 -2.20 -9.81
C ARG A 36 14.11 -3.08 -9.93
N GLU A 37 13.06 -2.76 -9.19
CA GLU A 37 11.85 -3.60 -9.15
C GLU A 37 10.59 -2.84 -9.56
N GLN A 38 9.62 -3.58 -10.09
CA GLN A 38 8.34 -3.02 -10.53
C GLN A 38 7.17 -3.76 -9.88
N PHE A 39 6.08 -3.04 -9.56
CA PHE A 39 4.90 -3.62 -8.90
C PHE A 39 3.64 -3.05 -9.56
N ARG A 40 2.80 -3.85 -10.17
CA ARG A 40 1.54 -3.39 -10.80
C ARG A 40 0.48 -3.33 -9.70
N ALA A 41 -0.43 -2.36 -9.79
CA ALA A 41 -1.45 -2.17 -8.76
C ALA A 41 -2.63 -1.41 -9.36
N HIS A 42 -3.66 -1.22 -8.55
CA HIS A 42 -4.84 -0.43 -8.90
C HIS A 42 -4.65 0.92 -8.24
N LYS A 43 -4.75 2.01 -8.97
CA LYS A 43 -4.56 3.35 -8.38
C LYS A 43 -5.57 3.59 -7.27
N THR A 44 -6.82 3.16 -7.45
CA THR A 44 -7.88 3.38 -6.43
C THR A 44 -7.46 2.76 -5.09
N VAL A 45 -6.90 1.56 -5.10
CA VAL A 45 -6.48 0.92 -3.85
C VAL A 45 -5.31 1.69 -3.23
N LEU A 46 -4.36 2.11 -4.07
CA LEU A 46 -3.23 2.89 -3.61
C LEU A 46 -3.70 4.19 -2.96
N MET A 47 -4.64 4.86 -3.62
CA MET A 47 -5.21 6.10 -3.09
C MET A 47 -5.96 5.87 -1.79
N ALA A 48 -6.61 4.71 -1.66
CA ALA A 48 -7.40 4.40 -0.49
C ALA A 48 -6.52 4.11 0.73
N CYS A 49 -5.25 3.79 0.48
CA CYS A 49 -4.37 3.26 1.52
C CYS A 49 -3.16 4.14 1.85
N SER A 50 -2.87 5.15 1.02
CA SER A 50 -1.64 5.92 1.14
C SER A 50 -1.87 7.41 0.90
N GLY A 51 -1.39 8.24 1.82
CA GLY A 51 -1.46 9.68 1.67
C GLY A 51 -0.64 10.16 0.48
N LEU A 52 0.50 9.51 0.25
CA LEU A 52 1.35 9.86 -0.90
C LEU A 52 0.58 9.62 -2.20
N PHE A 53 0.06 8.42 -2.37
CA PHE A 53 -0.62 8.07 -3.61
C PHE A 53 -1.93 8.85 -3.75
N TYR A 54 -2.60 9.12 -2.64
CA TYR A 54 -3.82 9.94 -2.68
C TYR A 54 -3.51 11.33 -3.22
N SER A 55 -2.44 11.93 -2.72
CA SER A 55 -2.07 13.29 -3.12
CA SER A 55 -2.06 13.28 -3.11
C SER A 55 -1.63 13.33 -4.57
N ILE A 56 -1.07 12.22 -5.05
CA ILE A 56 -0.63 12.14 -6.44
C ILE A 56 -1.82 12.07 -7.38
N PHE A 57 -2.69 11.08 -7.19
CA PHE A 57 -3.71 10.78 -8.19
C PHE A 57 -4.98 11.63 -8.09
N THR A 58 -5.15 12.40 -7.03
CA THR A 58 -6.28 13.31 -6.94
C THR A 58 -5.95 14.56 -7.74
N ASP A 59 -4.69 14.74 -8.12
CA ASP A 59 -4.25 15.86 -8.95
C ASP A 59 -4.47 15.51 -10.41
N GLN A 60 -5.25 16.33 -11.11
CA GLN A 60 -5.56 16.09 -12.52
C GLN A 60 -4.27 16.08 -13.35
N LEU A 61 -3.26 16.78 -12.85
CA LEU A 61 -1.95 16.84 -13.49
C LEU A 61 -1.31 15.46 -13.58
N LYS A 62 -1.56 14.63 -12.57
CA LYS A 62 -0.86 13.35 -12.43
C LYS A 62 -1.79 12.14 -12.50
N ARG A 63 -3.09 12.37 -12.54
CA ARG A 63 -4.06 11.29 -12.37
C ARG A 63 -3.93 10.17 -13.40
N ASN A 64 -3.52 10.51 -14.62
CA ASN A 64 -3.46 9.54 -15.70
C ASN A 64 -2.07 8.93 -15.89
N LEU A 65 -1.15 9.21 -14.97
CA LEU A 65 0.22 8.64 -15.03
C LEU A 65 0.11 7.12 -14.96
N SER A 66 0.76 6.36 -15.81
CA SER A 66 0.75 4.88 -15.76
C SER A 66 2.02 4.37 -15.06
N VAL A 67 2.99 5.23 -14.79
CA VAL A 67 4.27 4.82 -14.15
C VAL A 67 4.58 5.83 -13.05
N ILE A 68 4.85 5.37 -11.84
CA ILE A 68 5.30 6.22 -10.73
C ILE A 68 6.63 5.69 -10.22
N ASN A 69 7.66 6.53 -10.27
CA ASN A 69 8.97 6.18 -9.74
C ASN A 69 9.12 6.70 -8.31
N LEU A 70 9.33 5.78 -7.37
CA LEU A 70 9.49 6.17 -5.98
C LEU A 70 10.91 6.66 -5.73
N ASP A 71 11.06 7.36 -4.61
CA ASP A 71 12.35 7.87 -4.19
CA ASP A 71 12.35 7.86 -4.15
C ASP A 71 13.39 6.74 -4.22
N PRO A 72 14.60 7.02 -4.76
CA PRO A 72 15.60 5.95 -4.87
C PRO A 72 16.00 5.27 -3.56
N GLU A 73 15.75 5.91 -2.42
CA GLU A 73 16.17 5.35 -1.14
C GLU A 73 15.19 4.31 -0.60
N ILE A 74 14.01 4.23 -1.20
CA ILE A 74 12.99 3.29 -0.74
C ILE A 74 13.39 1.85 -1.03
N ASN A 75 13.30 1.01 0.00
CA ASN A 75 13.63 -0.40 -0.10
C ASN A 75 12.50 -1.16 -0.80
N PRO A 76 12.82 -1.93 -1.86
CA PRO A 76 11.76 -2.63 -2.59
C PRO A 76 10.99 -3.65 -1.77
N GLU A 77 11.68 -4.37 -0.88
CA GLU A 77 11.01 -5.34 -0.01
C GLU A 77 10.09 -4.61 0.96
N GLY A 78 10.55 -3.48 1.48
CA GLY A 78 9.72 -2.67 2.37
C GLY A 78 8.44 -2.28 1.66
N PHE A 79 8.56 -1.83 0.42
CA PHE A 79 7.39 -1.47 -0.36
C PHE A 79 6.48 -2.66 -0.63
N ASN A 80 7.09 -3.79 -1.00
CA ASN A 80 6.35 -5.01 -1.28
C ASN A 80 5.51 -5.43 -0.09
N ILE A 81 6.11 -5.35 1.10
CA ILE A 81 5.41 -5.70 2.34
C ILE A 81 4.20 -4.79 2.54
N LEU A 82 4.35 -3.51 2.24
CA LEU A 82 3.27 -2.55 2.43
C LEU A 82 2.20 -2.66 1.34
N LEU A 83 2.59 -3.04 0.13
CA LEU A 83 1.62 -3.24 -0.97
C LEU A 83 0.78 -4.46 -0.60
N ASP A 84 1.41 -5.50 -0.07
CA ASP A 84 0.69 -6.71 0.36
C ASP A 84 -0.27 -6.32 1.48
N PHE A 85 0.15 -5.48 2.42
CA PHE A 85 -0.70 -5.03 3.54
C PHE A 85 -1.94 -4.29 3.01
N MET A 86 -1.75 -3.45 2.00
CA MET A 86 -2.86 -2.65 1.45
C MET A 86 -3.97 -3.58 0.93
N TYR A 87 -3.59 -4.66 0.27
CA TYR A 87 -4.51 -5.62 -0.36
C TYR A 87 -4.96 -6.77 0.56
N THR A 88 -4.39 -6.92 1.74
CA THR A 88 -4.77 -8.04 2.63
C THR A 88 -5.17 -7.69 4.07
N SER A 89 -4.85 -6.48 4.58
CA SER A 89 -5.00 -6.02 6.00
C SER A 89 -3.99 -6.74 6.89
N ARG A 90 -2.95 -7.38 6.36
CA ARG A 90 -2.03 -8.18 7.17
C ARG A 90 -0.62 -7.58 7.04
N LEU A 91 0.09 -7.35 8.15
CA LEU A 91 1.43 -6.64 7.90
C LEU A 91 2.53 -7.60 8.36
N ASN A 92 3.45 -7.98 7.50
CA ASN A 92 4.56 -8.91 7.81
C ASN A 92 5.73 -8.14 8.45
N LEU A 93 5.60 -7.77 9.73
CA LEU A 93 6.63 -7.03 10.52
C LEU A 93 7.57 -8.03 11.20
N ARG A 94 8.87 -7.91 11.03
CA ARG A 94 9.90 -8.80 11.61
C ARG A 94 11.06 -7.92 12.06
N GLU A 95 11.93 -8.40 12.93
CA GLU A 95 13.10 -7.61 13.37
C GLU A 95 13.98 -7.28 12.17
N GLY A 96 14.13 -8.18 11.21
CA GLY A 96 14.93 -7.97 10.00
C GLY A 96 14.36 -6.97 9.01
N ASN A 97 13.09 -6.57 9.15
CA ASN A 97 12.49 -5.63 8.18
C ASN A 97 11.83 -4.41 8.84
N ILE A 98 11.78 -4.29 10.16
CA ILE A 98 11.01 -3.23 10.83
C ILE A 98 11.47 -1.82 10.41
N MET A 99 12.78 -1.60 10.33
CA MET A 99 13.27 -0.24 10.04
C MET A 99 12.89 0.15 8.62
N ALA A 100 13.04 -0.76 7.68
CA ALA A 100 12.72 -0.48 6.28
C ALA A 100 11.22 -0.29 6.07
N VAL A 101 10.42 -1.13 6.72
CA VAL A 101 8.97 -1.02 6.61
C VAL A 101 8.49 0.30 7.23
N MET A 102 9.04 0.65 8.38
CA MET A 102 8.63 1.87 9.06
C MET A 102 8.97 3.10 8.23
N ALA A 103 10.19 3.13 7.71
CA ALA A 103 10.62 4.24 6.86
C ALA A 103 9.76 4.35 5.60
N THR A 104 9.43 3.20 5.01
CA THR A 104 8.62 3.19 3.80
C THR A 104 7.20 3.65 4.11
N ALA A 105 6.69 3.28 5.28
CA ALA A 105 5.34 3.67 5.69
C ALA A 105 5.26 5.18 5.93
N MET A 106 6.33 5.76 6.45
N MET A 106 6.33 5.77 6.45
CA MET A 106 6.41 7.20 6.64
CA MET A 106 6.36 7.21 6.64
C MET A 106 6.32 7.88 5.29
C MET A 106 6.35 7.92 5.28
N TYR A 107 7.12 7.38 4.34
CA TYR A 107 7.18 7.93 3.00
C TYR A 107 5.84 7.80 2.27
N LEU A 108 5.17 6.68 2.45
CA LEU A 108 3.88 6.45 1.79
C LEU A 108 2.74 7.14 2.54
N GLN A 109 3.05 7.71 3.70
CA GLN A 109 2.07 8.41 4.53
C GLN A 109 0.97 7.46 4.98
N MET A 110 1.36 6.41 5.69
CA MET A 110 0.44 5.44 6.24
C MET A 110 0.61 5.46 7.76
N GLU A 111 -0.10 6.38 8.40
CA GLU A 111 0.15 6.73 9.80
C GLU A 111 -0.09 5.57 10.78
N HIS A 112 -1.19 4.87 10.61
CA HIS A 112 -1.53 3.78 11.52
C HIS A 112 -0.48 2.66 11.42
N VAL A 113 0.05 2.43 10.23
CA VAL A 113 1.14 1.46 10.07
C VAL A 113 2.38 1.94 10.81
N VAL A 114 2.75 3.21 10.64
CA VAL A 114 3.92 3.78 11.32
C VAL A 114 3.76 3.65 12.83
N ASP A 115 2.56 3.93 13.33
CA ASP A 115 2.30 3.86 14.75
C ASP A 115 2.47 2.41 15.22
N THR A 116 2.00 1.47 14.40
CA THR A 116 2.14 0.05 14.72
C THR A 116 3.61 -0.35 14.73
N CYS A 117 4.40 0.24 13.85
CA CYS A 117 5.84 -0.02 13.83
C CYS A 117 6.48 0.49 15.12
N ARG A 118 6.02 1.64 15.60
CA ARG A 118 6.52 2.20 16.85
C ARG A 118 6.18 1.28 18.02
N LYS A 119 5.01 0.65 17.94
CA LYS A 119 4.58 -0.32 18.98
C LYS A 119 5.46 -1.56 18.92
N PHE A 120 5.82 -2.05 17.75
CA PHE A 120 6.69 -3.23 17.53
C PHE A 120 8.07 -2.98 18.12
N ILE A 121 8.58 -1.78 17.88
CA ILE A 121 9.90 -1.34 18.41
C ILE A 121 9.80 -1.28 19.92
N LYS A 122 8.71 -0.79 20.46
CA LYS A 122 8.53 -0.65 21.91
C LYS A 122 8.50 -2.01 22.61
N ALA A 123 8.03 -3.03 21.90
CA ALA A 123 7.93 -4.38 22.45
C ALA A 123 9.16 -5.22 22.13
N SER A 124 10.14 -4.62 21.47
CA SER A 124 11.36 -5.32 21.07
C SER A 124 12.60 -4.58 21.57
N11 YJS B . -15.20 -11.98 -8.18
C12 YJS B . -16.38 -12.62 -7.83
O13 YJS B . -16.39 -13.66 -7.24
C01 YJS B . -13.42 -16.88 -8.79
C02 YJS B . -13.05 -16.63 -7.32
C03 YJS B . -12.62 -17.90 -6.66
C05 YJS B . -10.31 -17.25 -6.89
C06 YJS B . -10.80 -16.17 -7.78
C08 YJS B . -12.34 -14.29 -7.63
C09 YJS B . -13.65 -13.87 -7.72
C10 YJS B . -13.89 -12.52 -8.00
C14 YJS B . -17.66 -11.86 -8.21
C16 YJS B . -18.71 -11.37 -6.08
C17 YJS B . -19.77 -11.87 -5.37
C18 YJS B . -20.34 -12.93 -6.16
C19 YJS B . -19.61 -13.00 -7.28
C21 YJS B . -20.93 -14.85 -8.16
C23 YJS B . -22.82 -15.68 -6.87
C24 YJS B . -21.50 -13.87 -5.99
C26 YJS B . -20.15 -11.29 -4.03
C27 YJS B . -21.41 -11.33 -3.51
C28 YJS B . -21.63 -10.72 -2.28
C29 YJS B . -23.02 -10.77 -1.71
C32 YJS B . -20.62 -10.09 -1.60
C34 YJS B . -19.37 -10.07 -2.18
C36 YJS B . -19.12 -10.65 -3.36
C37 YJS B . -12.81 -11.70 -8.24
C39 YJS B . -11.50 -12.18 -8.14
N07 YJS B . -12.01 -15.67 -7.33
N15 YJS B . -18.64 -12.06 -7.21
N20 YJS B . -19.85 -13.97 -8.32
N22 YJS B . -21.71 -14.76 -7.01
N30 YJS B . -23.27 -10.21 -0.38
N40 YJS B . -11.31 -13.47 -7.86
O04 YJS B . -11.27 -18.30 -6.89
O25 YJS B . -22.19 -13.86 -5.07
O31 YJS B . -23.90 -11.22 -2.37
O33 YJS B . -20.85 -9.49 -0.36
CL35 YJS B . -18.07 -9.27 -1.33
CL38 YJS B . -13.04 -10.00 -8.63
H111 YJS B . -15.28 -11.15 -8.67
H011 YJS B . -13.75 -16.02 -9.21
H012 YJS B . -14.11 -17.54 -8.85
H013 YJS B . -12.64 -17.18 -9.27
H021 YJS B . -13.81 -16.27 -6.85
H031 YJS B . -12.75 -17.80 -5.64
H032 YJS B . -13.21 -18.62 -6.97
H051 YJS B . -10.20 -16.90 -5.97
H052 YJS B . -9.46 -17.59 -7.22
H061 YJS B . -10.91 -16.51 -8.64
H062 YJS B . -10.10 -15.43 -7.80
H091 YJS B . -14.36 -14.48 -7.58
H142 YJS B . -17.99 -12.19 -9.06
H141 YJS B . -17.45 -10.86 -8.28
H161 YJS B . -18.15 -10.67 -5.81
H211 YJS B . -21.14 -15.49 -8.84
H231 YJS B . -23.64 -15.19 -6.74
H233 YJS B . -22.67 -16.27 -6.11
H232 YJS B . -22.89 -16.21 -7.66
H271 YJS B . -22.13 -11.76 -3.98
H361 YJS B . -18.25 -10.61 -3.73
H391 YJS B . -10.77 -11.61 -8.28
H301 YJS B . -22.56 -9.85 0.12
H302 YJS B . -24.09 -10.23 -0.04
H331 YJS B . -20.47 -9.98 0.29
S DMS C . -25.97 -11.09 6.74
O DMS C . -27.27 -11.69 7.17
C1 DMS C . -26.38 -9.46 6.23
C2 DMS C . -25.13 -10.64 8.23
S SO4 D . -6.92 -2.10 13.88
O1 SO4 D . -7.33 -3.38 14.35
O2 SO4 D . -7.51 -1.84 12.60
O3 SO4 D . -7.29 -1.10 14.81
O4 SO4 D . -5.52 -2.16 13.75
#